data_5YSW
#
_entry.id   5YSW
#
_cell.length_a   35.082
_cell.length_b   70.709
_cell.length_c   80.975
_cell.angle_alpha   90.000
_cell.angle_beta   94.000
_cell.angle_gamma   90.000
#
_symmetry.space_group_name_H-M   'P 1 21 1'
#
loop_
_entity.id
_entity.type
_entity.pdbx_description
1 polymer 'Cytochrome P450'
2 non-polymer 'PROTOPORPHYRIN IX CONTAINING FE'
3 non-polymer '(2S,12E,14E,16S,17S,18R,19R,20R,21S,22R,23S,24E)-21-(acetyloxy)-5,6,17,19-tetrahydroxy-23-methoxy-2,4,12,16,18,20,22-heptamethyl-1,11-dioxo-1,2-dihydro-2,7-(epoxypentadeca[1,11,13]trienoimino)naphtho[2,1-b]furan-9-yl hydroxyacetate'
4 water water
#
_entity_poly.entity_id   1
_entity_poly.type   'polypeptide(L)'
_entity_poly.pdbx_seq_one_letter_code
;MGSSHHHHHHSSGLVPRGSHMVTTKVTENAPSTESLRSPLPPEFVRREDPFHVPPALVAVSERGPVARATLAAGDPFWLV
SGYEEARAVLSDPRFSSDRFQYHPWFKELSPEFRERLRDDKARAGSFINMDPPEHTRYRKLLTGQFTVRRIRELGARIDE
IVAGRVDAMLAGGTTADLMTEFAFPAPSLMICELLGVRYEDRAEFQQRASALLQMNAPVAEAVKNADALRAFMQALVTDK
RANPAGDIISGLIHHAGADPALTDDELINIANLLLIAGYDTTASMLGLGIFVLLQRPAQLATLRDDPSRIADAVEELLRY
LSVVNPGIFRFAKEDLEFAGEHIPAGSTVVVSVVATNRDARHWPDPDLDLTRPRGPHLAFGHGVHQCLGQQLARMEMQAG
YAELLRRLPNVRLAVPPEEVPLRNDMLTYGVHSLPIAWDAP
;
_entity_poly.pdbx_strand_id   A
#
loop_
_chem_comp.id
_chem_comp.type
_chem_comp.name
_chem_comp.formula
9LF non-polymer '(2S,12E,14E,16S,17S,18R,19R,20R,21S,22R,23S,24E)-21-(acetyloxy)-5,6,17,19-tetrahydroxy-23-methoxy-2,4,12,16,18,20,22-heptamethyl-1,11-dioxo-1,2-dihydro-2,7-(epoxypentadeca[1,11,13]trienoimino)naphtho[2,1-b]furan-9-yl hydroxyacetate' 'C39 H49 N O14'
HEM non-polymer 'PROTOPORPHYRIN IX CONTAINING FE' 'C34 H32 Fe N4 O4'
#
# COMPACT_ATOMS: atom_id res chain seq x y z
N PRO A 41 -5.29 13.22 -15.32
CA PRO A 41 -4.96 14.65 -15.38
C PRO A 41 -3.80 14.91 -14.43
N PRO A 42 -2.64 15.14 -15.01
CA PRO A 42 -1.40 15.09 -14.28
C PRO A 42 -1.35 16.03 -13.11
N GLU A 43 -1.97 17.19 -13.24
CA GLU A 43 -1.97 18.18 -12.15
C GLU A 43 -2.54 17.55 -10.87
N PHE A 44 -3.50 16.66 -11.01
CA PHE A 44 -3.98 15.89 -9.84
C PHE A 44 -3.05 14.78 -9.40
N VAL A 45 -2.43 14.06 -10.33
CA VAL A 45 -1.50 13.00 -9.93
C VAL A 45 -0.09 13.49 -9.47
N ARG A 46 0.45 14.55 -10.06
CA ARG A 46 1.82 14.98 -9.79
C ARG A 46 1.95 15.53 -8.36
N ARG A 47 2.98 15.11 -7.65
CA ARG A 47 3.33 15.74 -6.38
C ARG A 47 4.73 16.33 -6.44
N GLU A 48 4.85 17.64 -6.33
CA GLU A 48 6.14 18.33 -6.43
C GLU A 48 7.10 17.85 -5.37
N ASP A 49 6.59 17.81 -4.16
CA ASP A 49 7.31 17.21 -3.04
C ASP A 49 6.28 16.61 -2.07
N PRO A 50 6.74 15.87 -1.06
CA PRO A 50 5.83 15.21 -0.14
C PRO A 50 5.27 16.04 1.04
N PHE A 51 5.60 17.33 1.12
CA PHE A 51 5.22 18.12 2.29
C PHE A 51 4.07 19.01 1.95
N HIS A 52 3.54 18.90 0.74
CA HIS A 52 2.41 19.75 0.37
C HIS A 52 1.49 18.94 -0.48
N VAL A 53 0.22 19.29 -0.45
CA VAL A 53 -0.75 18.68 -1.35
C VAL A 53 -0.56 19.39 -2.68
N PRO A 54 -0.76 18.69 -3.79
CA PRO A 54 -0.62 19.31 -5.10
C PRO A 54 -1.49 20.56 -5.22
N PRO A 55 -0.93 21.65 -5.73
CA PRO A 55 -1.67 22.90 -5.76
C PRO A 55 -3.02 22.76 -6.43
N ALA A 56 -3.11 21.91 -7.44
CA ALA A 56 -4.38 21.71 -8.13
C ALA A 56 -5.39 20.98 -7.24
N LEU A 57 -4.94 20.02 -6.43
CA LEU A 57 -5.87 19.41 -5.49
C LEU A 57 -6.30 20.43 -4.46
N VAL A 58 -5.42 21.34 -4.12
CA VAL A 58 -5.75 22.42 -3.22
C VAL A 58 -6.71 23.40 -3.86
N ALA A 59 -6.60 23.62 -5.16
CA ALA A 59 -7.57 24.46 -5.85
C ALA A 59 -8.94 23.85 -5.79
N VAL A 60 -9.02 22.57 -6.13
CA VAL A 60 -10.32 21.90 -6.21
C VAL A 60 -10.94 21.78 -4.83
N SER A 61 -10.10 21.53 -3.83
CA SER A 61 -10.54 21.27 -2.47
C SER A 61 -11.21 22.52 -1.90
N GLU A 62 -10.79 23.66 -2.42
CA GLU A 62 -11.37 24.94 -2.07
C GLU A 62 -12.79 25.09 -2.56
N ARG A 63 -13.08 24.64 -3.77
CA ARG A 63 -14.45 24.63 -4.28
C ARG A 63 -15.36 23.81 -3.37
N GLY A 64 -14.94 22.58 -3.08
CA GLY A 64 -15.74 21.68 -2.23
C GLY A 64 -15.03 20.42 -1.73
N PRO A 65 -15.54 19.83 -0.64
CA PRO A 65 -15.10 18.52 -0.18
C PRO A 65 -15.33 17.39 -1.18
N VAL A 66 -16.42 17.45 -1.94
CA VAL A 66 -16.63 16.65 -3.11
C VAL A 66 -16.80 17.66 -4.24
N ALA A 67 -15.98 17.60 -5.29
CA ALA A 67 -16.05 18.63 -6.33
C ALA A 67 -15.79 18.12 -7.73
N ARG A 68 -16.58 18.60 -8.69
CA ARG A 68 -16.42 18.16 -10.07
C ARG A 68 -15.16 18.70 -10.69
N ALA A 69 -14.63 17.93 -11.63
CA ALA A 69 -13.41 18.25 -12.35
C ALA A 69 -13.65 17.66 -13.70
N THR A 70 -12.75 17.91 -14.64
CA THR A 70 -12.93 17.42 -16.01
C THR A 70 -11.80 16.51 -16.48
N LEU A 71 -12.17 15.38 -17.06
CA LEU A 71 -11.23 14.33 -17.44
C LEU A 71 -10.86 14.38 -18.92
N ALA A 72 -10.32 13.25 -19.41
CA ALA A 72 -10.25 12.91 -20.83
C ALA A 72 -9.06 13.57 -21.50
N ASP A 75 -15.22 15.18 -19.99
CA ASP A 75 -16.06 14.40 -19.10
C ASP A 75 -15.73 14.73 -17.65
N PRO A 76 -16.77 14.92 -16.83
CA PRO A 76 -16.59 15.29 -15.44
C PRO A 76 -16.53 14.11 -14.45
N PHE A 77 -15.55 14.14 -13.56
CA PHE A 77 -15.44 13.14 -12.50
C PHE A 77 -15.39 13.96 -11.25
N TRP A 78 -15.45 13.31 -10.09
CA TRP A 78 -15.42 14.07 -8.85
C TRP A 78 -14.20 13.74 -8.05
N LEU A 79 -13.76 14.71 -7.27
CA LEU A 79 -12.66 14.50 -6.37
C LEU A 79 -13.13 14.71 -4.97
N VAL A 80 -12.82 13.80 -4.07
CA VAL A 80 -13.16 13.99 -2.69
C VAL A 80 -11.89 14.36 -1.92
N SER A 81 -11.95 15.49 -1.22
CA SER A 81 -10.86 15.98 -0.39
C SER A 81 -11.28 16.07 1.06
N GLY A 82 -12.53 15.74 1.35
CA GLY A 82 -13.02 15.83 2.71
C GLY A 82 -12.97 14.46 3.34
N TYR A 83 -12.44 14.41 4.54
CA TYR A 83 -12.26 13.16 5.27
C TYR A 83 -13.56 12.40 5.59
N GLU A 84 -14.58 13.11 6.06
CA GLU A 84 -15.89 12.50 6.31
C GLU A 84 -16.60 12.13 5.05
N GLU A 85 -16.37 12.94 4.03
CA GLU A 85 -16.95 12.72 2.73
C GLU A 85 -16.38 11.45 2.14
N ALA A 86 -15.10 11.21 2.37
CA ALA A 86 -14.41 10.04 1.83
C ALA A 86 -14.94 8.73 2.42
N ARG A 87 -15.08 8.71 3.73
CA ARG A 87 -15.60 7.52 4.41
C ARG A 87 -17.03 7.28 3.96
N ALA A 88 -17.76 8.38 3.71
CA ALA A 88 -19.10 8.32 3.20
C ALA A 88 -19.23 7.69 1.80
N VAL A 89 -18.36 8.05 0.85
CA VAL A 89 -18.36 7.38 -0.48
C VAL A 89 -17.94 5.93 -0.41
N LEU A 90 -16.97 5.66 0.44
CA LEU A 90 -16.43 4.30 0.65
C LEU A 90 -17.37 3.32 1.34
N SER A 91 -18.27 3.82 2.18
CA SER A 91 -19.26 2.93 2.82
C SER A 91 -20.57 2.94 2.05
N ASP A 92 -20.64 3.77 1.02
CA ASP A 92 -21.87 3.95 0.29
C ASP A 92 -21.98 2.90 -0.83
N PRO A 93 -23.12 2.21 -0.92
CA PRO A 93 -23.30 1.11 -1.90
C PRO A 93 -23.82 1.52 -3.28
N ARG A 94 -24.10 2.81 -3.48
CA ARG A 94 -24.47 3.32 -4.79
C ARG A 94 -23.23 3.44 -5.68
N PHE A 95 -22.08 3.28 -5.05
CA PHE A 95 -20.79 3.39 -5.71
C PHE A 95 -20.10 2.04 -5.94
N SER A 96 -19.50 1.87 -7.11
CA SER A 96 -18.91 0.58 -7.51
C SER A 96 -17.41 0.58 -7.55
N SER A 97 -16.82 -0.61 -7.43
CA SER A 97 -15.40 -0.79 -7.62
C SER A 97 -15.12 -1.35 -9.00
N ASP A 98 -16.19 -1.52 -9.78
CA ASP A 98 -16.10 -2.07 -11.11
C ASP A 98 -16.05 -0.90 -12.08
N ARG A 99 -14.88 -0.67 -12.69
CA ARG A 99 -14.75 0.40 -13.68
C ARG A 99 -15.57 0.12 -14.94
N PHE A 100 -15.63 -1.13 -15.38
CA PHE A 100 -16.25 -1.39 -16.67
C PHE A 100 -17.78 -1.55 -16.65
N GLN A 101 -18.34 -2.03 -15.54
CA GLN A 101 -19.75 -2.43 -15.53
C GLN A 101 -20.78 -1.32 -15.84
N TYR A 102 -20.67 -0.15 -15.21
CA TYR A 102 -21.76 0.85 -15.34
C TYR A 102 -21.40 1.98 -16.33
N ARG A 123 -7.30 -12.33 -14.65
CA ARG A 123 -8.54 -13.09 -14.68
C ARG A 123 -9.52 -12.69 -13.56
N ALA A 124 -10.37 -13.61 -13.16
CA ALA A 124 -11.22 -13.46 -12.00
C ALA A 124 -10.55 -13.99 -10.73
N GLY A 125 -11.27 -13.83 -9.61
CA GLY A 125 -10.74 -14.01 -8.28
C GLY A 125 -10.05 -12.76 -7.80
N SER A 126 -10.11 -11.70 -8.61
CA SER A 126 -9.43 -10.45 -8.31
C SER A 126 -10.44 -9.52 -7.67
N PHE A 127 -10.55 -9.62 -6.35
CA PHE A 127 -11.74 -9.14 -5.67
C PHE A 127 -11.69 -7.66 -5.39
N ILE A 128 -10.59 -6.98 -5.73
CA ILE A 128 -10.49 -5.53 -5.56
C ILE A 128 -11.31 -4.71 -6.56
N ASN A 129 -11.77 -5.32 -7.65
CA ASN A 129 -12.67 -4.66 -8.60
C ASN A 129 -13.99 -5.34 -8.66
N MET A 130 -14.41 -5.81 -7.50
CA MET A 130 -15.62 -6.59 -7.37
C MET A 130 -16.53 -5.90 -6.38
N ASP A 131 -17.82 -6.03 -6.57
CA ASP A 131 -18.78 -5.55 -5.59
C ASP A 131 -19.42 -6.75 -4.91
N PRO A 132 -19.81 -6.59 -3.65
CA PRO A 132 -20.58 -7.65 -3.01
C PRO A 132 -21.92 -7.71 -3.71
N PRO A 133 -22.50 -8.89 -3.84
CA PRO A 133 -22.10 -10.13 -3.18
C PRO A 133 -20.75 -10.74 -3.58
N GLU A 134 -20.34 -10.67 -4.84
CA GLU A 134 -19.19 -11.49 -5.26
C GLU A 134 -17.87 -11.14 -4.52
N HIS A 135 -17.64 -9.85 -4.26
CA HIS A 135 -16.47 -9.42 -3.53
C HIS A 135 -16.43 -10.11 -2.17
N THR A 136 -17.58 -10.09 -1.51
CA THR A 136 -17.68 -10.50 -0.12
C THR A 136 -17.36 -11.97 0.08
N ARG A 137 -17.63 -12.79 -0.92
CA ARG A 137 -17.29 -14.21 -0.87
C ARG A 137 -15.78 -14.44 -0.76
N TYR A 138 -15.00 -13.74 -1.60
CA TYR A 138 -13.56 -13.89 -1.61
C TYR A 138 -12.90 -13.26 -0.41
N ARG A 139 -13.43 -12.12 0.00
CA ARG A 139 -12.86 -11.34 1.07
C ARG A 139 -12.91 -12.10 2.36
N LYS A 140 -14.03 -12.73 2.57
CA LYS A 140 -14.29 -13.50 3.77
C LYS A 140 -13.43 -14.76 3.81
N LEU A 141 -13.17 -15.34 2.64
CA LEU A 141 -12.15 -16.40 2.49
C LEU A 141 -10.78 -15.85 2.82
N LEU A 142 -10.45 -14.68 2.26
CA LEU A 142 -9.17 -14.07 2.57
C LEU A 142 -9.02 -13.64 4.00
N THR A 143 -10.01 -12.97 4.57
CA THR A 143 -9.95 -12.59 5.98
C THR A 143 -9.87 -13.79 6.93
N GLY A 144 -10.58 -14.87 6.63
CA GLY A 144 -10.58 -16.06 7.48
C GLY A 144 -9.22 -16.72 7.59
N GLN A 145 -8.45 -16.72 6.50
CA GLN A 145 -7.13 -17.29 6.54
C GLN A 145 -6.14 -16.36 7.21
N PHE A 146 -6.53 -15.11 7.47
CA PHE A 146 -5.67 -14.19 8.23
C PHE A 146 -5.89 -14.37 9.72
N THR A 147 -5.59 -15.59 10.16
CA THR A 147 -5.81 -15.99 11.54
C THR A 147 -4.72 -15.48 12.45
N VAL A 148 -4.94 -15.64 13.74
CA VAL A 148 -3.96 -15.26 14.73
C VAL A 148 -2.68 -16.05 14.59
N ARG A 149 -2.75 -17.34 14.26
CA ARG A 149 -1.55 -18.13 14.10
C ARG A 149 -0.71 -17.58 12.93
N ARG A 150 -1.36 -17.21 11.83
CA ARG A 150 -0.61 -16.59 10.73
C ARG A 150 0.04 -15.33 11.11
N ILE A 151 -0.71 -14.44 11.73
CA ILE A 151 -0.24 -13.09 12.05
C ILE A 151 0.95 -13.17 13.00
N ARG A 152 0.87 -14.08 13.96
CA ARG A 152 1.96 -14.25 14.92
C ARG A 152 3.24 -14.75 14.23
N GLU A 153 3.11 -15.73 13.36
CA GLU A 153 4.25 -16.27 12.67
C GLU A 153 4.81 -15.29 11.66
N LEU A 154 3.92 -14.63 10.95
CA LEU A 154 4.33 -13.64 9.97
C LEU A 154 5.02 -12.45 10.62
N GLY A 155 4.54 -12.03 11.78
CA GLY A 155 5.21 -10.99 12.51
C GLY A 155 6.62 -11.38 12.98
N ALA A 156 6.81 -12.64 13.37
CA ALA A 156 8.15 -13.09 13.72
C ALA A 156 9.01 -13.25 12.47
N ARG A 157 8.42 -13.64 11.36
CA ARG A 157 9.17 -13.68 10.13
C ARG A 157 9.59 -12.29 9.75
N ILE A 158 8.67 -11.35 9.91
CA ILE A 158 8.91 -9.96 9.55
C ILE A 158 10.01 -9.42 10.41
N ASP A 159 10.01 -9.80 11.66
CA ASP A 159 11.05 -9.34 12.55
C ASP A 159 12.43 -9.83 12.10
N GLU A 160 12.49 -11.08 11.65
CA GLU A 160 13.68 -11.66 11.07
C GLU A 160 14.12 -11.01 9.76
N ILE A 161 13.16 -10.69 8.91
CA ILE A 161 13.41 -10.11 7.63
C ILE A 161 14.12 -8.76 7.72
N VAL A 162 13.61 -7.86 8.57
CA VAL A 162 14.16 -6.50 8.65
C VAL A 162 15.57 -6.57 9.28
N ALA A 163 15.79 -7.53 10.17
CA ALA A 163 17.13 -7.76 10.76
C ALA A 163 18.17 -8.27 9.78
N GLY A 164 17.80 -9.22 8.92
CA GLY A 164 18.71 -9.72 7.90
C GLY A 164 19.10 -8.63 6.88
N ARG A 165 18.17 -7.79 6.47
CA ARG A 165 18.48 -6.76 5.51
C ARG A 165 19.41 -5.71 6.09
N VAL A 166 19.18 -5.31 7.33
CA VAL A 166 20.10 -4.42 8.03
C VAL A 166 21.43 -5.10 8.38
N ASP A 167 21.37 -6.38 8.72
CA ASP A 167 22.59 -7.13 8.94
C ASP A 167 23.40 -7.06 7.67
N ALA A 168 22.73 -7.23 6.52
CA ALA A 168 23.39 -7.16 5.21
C ALA A 168 23.87 -5.75 4.79
N MET A 169 23.14 -4.71 5.14
CA MET A 169 23.59 -3.33 4.89
C MET A 169 24.83 -3.01 5.70
N LEU A 170 24.80 -3.32 7.00
CA LEU A 170 25.94 -3.05 7.86
C LEU A 170 27.16 -3.86 7.43
N ALA A 171 26.95 -5.08 6.97
CA ALA A 171 28.05 -5.95 6.54
C ALA A 171 28.66 -5.42 5.25
N GLY A 172 27.85 -4.76 4.45
CA GLY A 172 28.23 -4.16 3.17
C GLY A 172 29.11 -2.92 3.16
N GLY A 173 29.08 -2.10 4.20
CA GLY A 173 29.85 -0.85 4.17
C GLY A 173 29.18 0.21 4.98
N THR A 174 29.29 1.47 4.59
CA THR A 174 28.58 2.52 5.32
C THR A 174 27.58 3.22 4.47
N THR A 175 27.31 2.72 3.28
CA THR A 175 26.32 3.36 2.42
C THR A 175 25.50 2.25 1.80
N ALA A 176 24.33 2.62 1.25
CA ALA A 176 23.52 1.73 0.45
C ALA A 176 22.51 2.58 -0.27
N ASP A 177 21.86 2.08 -1.32
CA ASP A 177 20.61 2.67 -1.76
C ASP A 177 19.58 1.93 -0.94
N LEU A 178 18.76 2.65 -0.20
CA LEU A 178 17.78 2.05 0.70
C LEU A 178 16.77 1.20 -0.05
N MET A 179 16.37 1.67 -1.22
CA MET A 179 15.36 0.92 -1.98
C MET A 179 15.81 -0.45 -2.42
N THR A 180 17.04 -0.53 -2.93
CA THR A 180 17.66 -1.78 -3.35
C THR A 180 17.86 -2.77 -2.23
N GLU A 181 18.34 -2.30 -1.10
CA GLU A 181 18.82 -3.18 -0.06
C GLU A 181 17.83 -3.37 1.08
N PHE A 182 16.79 -2.52 1.19
CA PHE A 182 15.82 -2.71 2.30
C PHE A 182 14.34 -2.58 1.92
N ALA A 183 13.93 -1.49 1.30
CA ALA A 183 12.53 -1.22 1.10
C ALA A 183 11.75 -2.12 0.16
N PHE A 184 12.32 -2.45 -0.99
CA PHE A 184 11.76 -3.49 -1.87
C PHE A 184 11.97 -4.94 -1.37
N PRO A 185 13.16 -5.24 -0.84
CA PRO A 185 13.42 -6.57 -0.32
C PRO A 185 12.59 -6.99 0.89
N ALA A 186 12.35 -6.12 1.86
CA ALA A 186 11.57 -6.51 3.07
C ALA A 186 10.11 -6.82 2.73
N PRO A 187 9.47 -5.95 1.94
CA PRO A 187 8.07 -6.21 1.53
C PRO A 187 7.99 -7.45 0.70
N SER A 188 8.96 -7.61 -0.19
CA SER A 188 9.04 -8.74 -1.13
C SER A 188 9.16 -10.11 -0.43
N LEU A 189 10.03 -10.19 0.56
CA LEU A 189 10.27 -11.39 1.32
C LEU A 189 9.10 -11.78 2.23
N MET A 190 8.35 -10.80 2.72
CA MET A 190 7.16 -11.02 3.54
C MET A 190 6.05 -11.62 2.70
N ILE A 191 5.91 -11.16 1.48
CA ILE A 191 4.96 -11.73 0.55
C ILE A 191 5.39 -13.17 0.21
N CYS A 192 6.68 -13.41 0.20
CA CYS A 192 7.19 -14.78 0.04
C CYS A 192 6.68 -15.72 1.12
N GLU A 193 6.79 -15.22 2.34
CA GLU A 193 6.33 -15.98 3.52
C GLU A 193 4.83 -16.21 3.55
N LEU A 194 4.10 -15.21 3.07
CA LEU A 194 2.67 -15.24 3.01
C LEU A 194 2.16 -16.27 2.03
N LEU A 195 2.79 -16.33 0.87
CA LEU A 195 2.40 -17.23 -0.20
C LEU A 195 3.05 -18.58 -0.06
N GLY A 196 3.82 -18.76 1.01
CA GLY A 196 4.56 -19.99 1.19
C GLY A 196 5.59 -20.23 0.08
N VAL A 197 6.35 -19.20 -0.27
CA VAL A 197 7.47 -19.39 -1.18
C VAL A 197 8.69 -19.85 -0.38
N ARG A 198 9.23 -21.01 -0.80
CA ARG A 198 10.40 -21.62 -0.19
C ARG A 198 11.65 -20.82 -0.46
N TYR A 199 12.64 -20.98 0.43
CA TYR A 199 13.88 -20.25 0.37
C TYR A 199 14.59 -20.38 -0.99
N GLU A 200 14.64 -21.60 -1.53
CA GLU A 200 15.36 -21.87 -2.77
C GLU A 200 14.66 -21.24 -3.97
N ASP A 201 13.40 -20.85 -3.81
CA ASP A 201 12.69 -20.21 -4.92
C ASP A 201 12.60 -18.67 -4.87
N ARG A 202 13.13 -18.05 -3.84
CA ARG A 202 12.96 -16.60 -3.65
C ARG A 202 13.73 -15.75 -4.67
N ALA A 203 14.90 -16.22 -5.10
CA ALA A 203 15.65 -15.59 -6.18
C ALA A 203 14.83 -15.54 -7.43
N GLU A 204 14.27 -16.69 -7.79
CA GLU A 204 13.45 -16.71 -8.96
C GLU A 204 12.31 -15.76 -8.69
N PHE A 205 11.78 -15.75 -7.47
CA PHE A 205 10.62 -14.96 -7.14
C PHE A 205 10.94 -13.48 -7.16
N GLN A 206 12.03 -13.13 -6.50
CA GLN A 206 12.47 -11.76 -6.51
C GLN A 206 12.78 -11.27 -7.94
N GLN A 207 13.26 -12.12 -8.83
CA GLN A 207 13.50 -11.69 -10.19
C GLN A 207 12.20 -11.36 -10.92
N ARG A 208 11.25 -12.28 -10.92
CA ARG A 208 10.10 -12.15 -11.80
C ARG A 208 9.21 -10.97 -11.42
N ALA A 209 9.40 -10.41 -10.23
CA ALA A 209 8.47 -9.42 -9.73
C ALA A 209 9.10 -8.05 -9.58
N SER A 210 10.36 -7.91 -9.97
CA SER A 210 10.93 -6.58 -10.10
C SER A 210 10.94 -6.29 -11.58
N ALA A 211 9.88 -6.75 -12.23
CA ALA A 211 9.70 -6.59 -13.63
C ALA A 211 8.42 -5.80 -13.68
N LEU A 212 8.50 -4.65 -13.03
CA LEU A 212 7.47 -3.64 -13.10
C LEU A 212 8.18 -2.33 -13.50
N LEU A 213 8.03 -1.90 -14.76
CA LEU A 213 8.75 -0.70 -15.32
C LEU A 213 8.06 -0.07 -16.53
N GLN A 214 7.38 1.06 -16.38
CA GLN A 214 7.26 1.82 -15.13
C GLN A 214 5.91 2.44 -15.33
N MET A 215 4.85 1.96 -14.67
CA MET A 215 4.93 0.97 -13.59
C MET A 215 3.82 -0.06 -13.64
N ASN A 216 2.62 0.36 -13.23
CA ASN A 216 1.55 -0.53 -12.77
C ASN A 216 0.74 -1.28 -13.86
N ALA A 217 0.36 -2.52 -13.58
CA ALA A 217 -0.27 -3.34 -14.61
C ALA A 217 -1.24 -4.45 -14.11
N PRO A 218 -2.49 -4.50 -14.67
CA PRO A 218 -3.13 -5.80 -14.61
C PRO A 218 -3.04 -6.44 -16.00
N VAL A 219 -2.75 -7.73 -16.11
CA VAL A 219 -2.44 -8.54 -14.96
C VAL A 219 -1.06 -8.15 -14.42
N ALA A 220 0.03 -7.97 -15.21
CA ALA A 220 0.41 -8.62 -16.49
C ALA A 220 -0.61 -8.90 -17.57
N GLU A 221 -0.58 -8.14 -18.67
CA GLU A 221 -1.44 -8.47 -19.81
C GLU A 221 -1.28 -9.95 -20.14
N ALA A 222 -2.20 -10.50 -20.91
CA ALA A 222 -2.12 -11.92 -21.24
C ALA A 222 -1.45 -12.11 -22.60
N ALA A 226 2.66 -10.25 -17.75
CA ALA A 226 3.74 -11.15 -17.36
C ALA A 226 3.25 -12.53 -16.91
N ASP A 227 3.00 -13.40 -17.88
CA ASP A 227 2.58 -14.77 -17.59
C ASP A 227 3.63 -15.45 -16.77
N ALA A 228 4.86 -14.97 -16.90
CA ALA A 228 5.99 -15.55 -16.20
C ALA A 228 5.68 -15.55 -14.72
N LEU A 229 5.18 -14.43 -14.21
CA LEU A 229 4.74 -14.41 -12.84
C LEU A 229 3.54 -15.32 -12.61
N ARG A 230 2.60 -15.30 -13.56
CA ARG A 230 1.42 -16.14 -13.47
C ARG A 230 1.85 -17.61 -13.48
N ALA A 231 2.87 -17.89 -14.28
CA ALA A 231 3.38 -19.23 -14.44
C ALA A 231 4.05 -19.73 -13.18
N PHE A 232 4.71 -18.84 -12.46
CA PHE A 232 5.34 -19.18 -11.21
C PHE A 232 4.27 -19.52 -10.17
N MET A 233 3.20 -18.71 -10.16
CA MET A 233 2.07 -18.89 -9.25
C MET A 233 1.31 -20.14 -9.59
N GLN A 234 1.29 -20.49 -10.87
CA GLN A 234 0.61 -21.70 -11.31
C GLN A 234 1.30 -22.89 -10.70
N ALA A 235 2.61 -22.91 -10.74
CA ALA A 235 3.37 -24.02 -10.18
C ALA A 235 3.20 -24.10 -8.67
N LEU A 236 3.24 -22.95 -8.02
CA LEU A 236 3.11 -22.88 -6.58
C LEU A 236 1.79 -23.47 -6.03
N VAL A 237 0.69 -23.13 -6.67
CA VAL A 237 -0.63 -23.65 -6.33
C VAL A 237 -0.73 -25.17 -6.53
N THR A 238 -0.23 -25.63 -7.66
CA THR A 238 -0.20 -27.06 -7.91
C THR A 238 0.62 -27.71 -6.83
N ASP A 239 1.72 -27.06 -6.46
CA ASP A 239 2.56 -27.52 -5.39
C ASP A 239 1.76 -27.63 -4.10
N LYS A 240 0.99 -26.58 -3.84
CA LYS A 240 0.24 -26.44 -2.59
C LYS A 240 -0.85 -27.44 -2.47
N ARG A 241 -1.54 -27.72 -3.59
CA ARG A 241 -2.56 -28.79 -3.62
C ARG A 241 -1.90 -30.11 -3.32
N ALA A 242 -0.78 -30.35 -3.99
CA ALA A 242 -0.02 -31.56 -3.73
C ALA A 242 0.52 -31.63 -2.29
N ASN A 243 1.20 -30.59 -1.83
CA ASN A 243 1.75 -30.59 -0.48
C ASN A 243 1.38 -29.36 0.37
N PRO A 244 0.35 -29.50 1.21
CA PRO A 244 -0.15 -28.33 1.92
C PRO A 244 0.66 -27.93 3.16
N ALA A 245 1.22 -26.71 3.10
CA ALA A 245 1.95 -26.10 4.19
C ALA A 245 1.08 -25.09 4.96
N GLY A 246 1.69 -24.15 5.70
CA GLY A 246 0.95 -23.22 6.56
C GLY A 246 0.57 -21.88 5.94
N ASP A 247 0.83 -21.75 4.65
CA ASP A 247 0.62 -20.49 3.98
C ASP A 247 -0.84 -20.24 3.54
N ILE A 248 -1.03 -19.04 3.02
CA ILE A 248 -2.31 -18.51 2.66
C ILE A 248 -2.91 -19.31 1.51
N ILE A 249 -2.06 -19.74 0.57
CA ILE A 249 -2.51 -20.56 -0.54
C ILE A 249 -2.97 -21.94 -0.08
N SER A 250 -2.22 -22.55 0.83
CA SER A 250 -2.63 -23.82 1.41
C SER A 250 -3.95 -23.74 2.14
N GLY A 251 -4.12 -22.73 2.98
CA GLY A 251 -5.36 -22.62 3.74
C GLY A 251 -6.57 -22.50 2.84
N LEU A 252 -6.49 -21.64 1.83
CA LEU A 252 -7.61 -21.44 0.91
C LEU A 252 -8.01 -22.75 0.27
N ILE A 253 -7.02 -23.48 -0.22
CA ILE A 253 -7.20 -24.82 -0.77
C ILE A 253 -7.67 -25.85 0.26
N HIS A 254 -7.06 -25.89 1.42
CA HIS A 254 -7.31 -27.00 2.36
C HIS A 254 -8.07 -26.66 3.61
N HIS A 255 -8.05 -25.42 4.04
CA HIS A 255 -8.62 -25.12 5.34
C HIS A 255 -9.55 -23.93 5.43
N ALA A 256 -9.90 -23.31 4.30
CA ALA A 256 -10.76 -22.15 4.34
C ALA A 256 -12.24 -22.53 4.21
N GLY A 257 -12.51 -23.83 4.11
CA GLY A 257 -13.88 -24.31 3.99
C GLY A 257 -14.60 -23.76 2.77
N ALA A 258 -13.89 -23.59 1.66
CA ALA A 258 -14.48 -23.00 0.47
C ALA A 258 -15.49 -23.93 -0.15
N ASP A 259 -16.73 -23.46 -0.25
CA ASP A 259 -17.67 -24.07 -1.15
C ASP A 259 -18.33 -22.93 -1.88
N PRO A 260 -18.17 -22.88 -3.21
CA PRO A 260 -17.36 -23.81 -3.99
C PRO A 260 -15.86 -23.55 -3.79
N ALA A 261 -15.06 -24.56 -4.11
CA ALA A 261 -13.60 -24.47 -3.98
C ALA A 261 -13.00 -23.56 -5.01
N LEU A 262 -11.93 -22.85 -4.61
CA LEU A 262 -11.27 -21.88 -5.48
C LEU A 262 -10.56 -22.63 -6.56
N THR A 263 -10.55 -22.08 -7.76
CA THR A 263 -9.84 -22.66 -8.86
C THR A 263 -8.40 -22.20 -8.84
N ASP A 264 -7.59 -22.78 -9.73
CA ASP A 264 -6.21 -22.39 -9.90
C ASP A 264 -6.14 -20.94 -10.33
N ASP A 265 -6.98 -20.58 -11.30
CA ASP A 265 -7.09 -19.18 -11.77
C ASP A 265 -7.49 -18.18 -10.66
N GLU A 266 -8.47 -18.56 -9.84
CA GLU A 266 -8.87 -17.77 -8.69
C GLU A 266 -7.68 -17.67 -7.74
N LEU A 267 -7.04 -18.81 -7.50
CA LEU A 267 -5.90 -18.87 -6.58
C LEU A 267 -4.72 -18.07 -7.12
N ILE A 268 -4.57 -18.02 -8.44
CA ILE A 268 -3.45 -17.27 -9.01
C ILE A 268 -3.75 -15.83 -8.99
N ASN A 269 -4.97 -15.58 -9.36
CA ASN A 269 -5.31 -14.21 -9.38
C ASN A 269 -5.23 -13.61 -7.98
N ILE A 270 -5.56 -14.28 -6.88
CA ILE A 270 -5.45 -13.72 -5.51
C ILE A 270 -4.01 -13.54 -5.02
N ALA A 271 -3.13 -14.40 -5.49
CA ALA A 271 -1.77 -14.39 -5.06
C ALA A 271 -1.05 -13.21 -5.66
N ASN A 272 -1.39 -12.86 -6.89
CA ASN A 272 -0.77 -11.74 -7.52
C ASN A 272 -1.26 -10.46 -6.93
N LEU A 273 -2.52 -10.46 -6.54
CA LEU A 273 -3.16 -9.27 -6.00
C LEU A 273 -2.59 -8.99 -4.63
N LEU A 274 -2.20 -10.03 -3.92
CA LEU A 274 -1.61 -9.82 -2.60
C LEU A 274 -0.20 -9.23 -2.75
N LEU A 275 0.55 -9.67 -3.76
CA LEU A 275 1.86 -9.10 -4.02
C LEU A 275 1.74 -7.71 -4.56
N ILE A 276 0.92 -7.54 -5.58
CA ILE A 276 0.72 -6.24 -6.18
C ILE A 276 0.27 -5.22 -5.14
N ALA A 277 -0.76 -5.56 -4.38
CA ALA A 277 -1.35 -4.64 -3.42
C ALA A 277 -0.43 -4.28 -2.26
N GLY A 278 0.37 -5.23 -1.79
CA GLY A 278 1.22 -4.98 -0.64
C GLY A 278 2.68 -4.63 -0.88
N TYR A 279 3.10 -4.49 -2.12
CA TYR A 279 4.52 -4.46 -2.41
C TYR A 279 5.08 -3.09 -2.75
N ASP A 280 4.49 -2.43 -3.72
CA ASP A 280 4.82 -1.07 -4.06
C ASP A 280 4.46 -0.11 -2.94
N THR A 281 3.29 -0.31 -2.36
CA THR A 281 2.77 0.52 -1.29
C THR A 281 3.62 0.42 -0.05
N THR A 282 4.00 -0.78 0.33
CA THR A 282 4.80 -0.96 1.53
C THR A 282 6.22 -0.46 1.30
N ALA A 283 6.76 -0.73 0.12
CA ALA A 283 8.09 -0.21 -0.21
C ALA A 283 8.12 1.30 -0.37
N SER A 284 7.09 1.89 -0.92
CA SER A 284 7.05 3.32 -1.05
C SER A 284 6.89 3.97 0.34
N MET A 285 6.01 3.43 1.15
CA MET A 285 5.95 3.87 2.54
C MET A 285 7.30 3.88 3.24
N LEU A 286 8.01 2.74 3.18
CA LEU A 286 9.27 2.58 3.93
C LEU A 286 10.37 3.50 3.45
N GLY A 287 10.55 3.61 2.14
CA GLY A 287 11.56 4.49 1.58
C GLY A 287 11.25 5.95 1.81
N LEU A 288 10.02 6.35 1.48
CA LEU A 288 9.60 7.74 1.64
C LEU A 288 9.57 8.16 3.08
N GLY A 289 9.20 7.25 3.99
CA GLY A 289 9.17 7.58 5.39
C GLY A 289 10.54 7.95 5.90
N ILE A 290 11.56 7.18 5.52
CA ILE A 290 12.92 7.48 5.90
C ILE A 290 13.40 8.79 5.29
N PHE A 291 13.03 9.02 4.04
CA PHE A 291 13.41 10.21 3.33
C PHE A 291 12.84 11.46 4.01
N VAL A 292 11.60 11.37 4.44
CA VAL A 292 10.95 12.44 5.22
C VAL A 292 11.56 12.62 6.62
N LEU A 293 11.91 11.53 7.28
CA LEU A 293 12.52 11.60 8.60
C LEU A 293 13.89 12.23 8.45
N LEU A 294 14.58 11.89 7.35
CA LEU A 294 15.90 12.44 7.09
C LEU A 294 15.88 13.96 6.84
N GLN A 295 14.77 14.51 6.42
CA GLN A 295 14.60 15.95 6.21
C GLN A 295 13.99 16.66 7.42
N ARG A 296 13.50 15.86 8.36
CA ARG A 296 12.78 16.37 9.53
C ARG A 296 13.43 15.76 10.76
N PRO A 297 14.62 16.21 11.14
CA PRO A 297 15.43 15.58 12.18
C PRO A 297 14.80 15.50 13.57
N ALA A 298 13.95 16.46 13.94
CA ALA A 298 13.22 16.41 15.24
C ALA A 298 12.25 15.25 15.30
N GLN A 299 11.57 14.94 14.21
CA GLN A 299 10.72 13.78 14.09
C GLN A 299 11.46 12.47 14.11
N LEU A 300 12.57 12.42 13.40
CA LEU A 300 13.35 11.20 13.32
C LEU A 300 13.84 10.80 14.71
N ALA A 301 14.19 11.79 15.50
CA ALA A 301 14.72 11.58 16.84
C ALA A 301 13.63 11.05 17.77
N THR A 302 12.41 11.54 17.58
CA THR A 302 11.28 11.12 18.38
C THR A 302 10.99 9.65 18.18
N LEU A 303 10.98 9.21 16.93
CA LEU A 303 10.81 7.79 16.63
C LEU A 303 12.01 6.99 17.11
N ARG A 304 13.20 7.40 16.72
CA ARG A 304 14.41 6.71 17.12
C ARG A 304 14.61 6.74 18.62
N ASP A 305 14.42 7.90 19.23
CA ASP A 305 14.57 8.06 20.69
C ASP A 305 13.41 7.57 21.59
N ASP A 306 12.17 7.61 21.12
CA ASP A 306 11.07 7.09 21.93
C ASP A 306 10.46 5.89 21.25
N PRO A 307 11.09 4.73 21.44
CA PRO A 307 10.77 3.51 20.68
C PRO A 307 9.40 2.92 20.99
N SER A 308 8.85 3.20 22.17
CA SER A 308 7.51 2.72 22.53
C SER A 308 6.42 3.46 21.76
N ARG A 309 6.75 4.59 21.16
CA ARG A 309 5.81 5.41 20.40
C ARG A 309 5.75 5.04 18.89
N ILE A 310 6.30 3.88 18.56
CA ILE A 310 6.37 3.39 17.19
C ILE A 310 4.97 3.16 16.57
N ALA A 311 4.00 2.77 17.35
CA ALA A 311 2.67 2.49 16.81
C ALA A 311 2.01 3.78 16.33
N ASP A 312 2.24 4.87 17.04
CA ASP A 312 1.70 6.19 16.72
C ASP A 312 2.41 6.85 15.56
N ALA A 313 3.71 6.65 15.48
CA ALA A 313 4.48 7.18 14.39
C ALA A 313 4.08 6.62 13.03
N VAL A 314 3.88 5.30 12.95
CA VAL A 314 3.60 4.65 11.70
C VAL A 314 2.24 5.11 11.22
N GLU A 315 1.32 5.28 12.14
CA GLU A 315 0.00 5.77 11.83
C GLU A 315 0.04 7.22 11.29
N GLU A 316 0.97 8.02 11.79
CA GLU A 316 1.20 9.39 11.30
C GLU A 316 1.77 9.50 9.88
N LEU A 317 2.65 8.57 9.54
CA LEU A 317 3.30 8.54 8.21
C LEU A 317 2.32 8.04 7.19
N LEU A 318 1.47 7.12 7.58
CA LEU A 318 0.44 6.64 6.72
C LEU A 318 -0.48 7.77 6.30
N ARG A 319 -0.81 8.65 7.26
CA ARG A 319 -1.71 9.77 7.06
C ARG A 319 -1.03 10.90 6.36
N TYR A 320 0.21 11.23 6.77
CA TYR A 320 0.92 12.35 6.16
C TYR A 320 1.48 12.05 4.77
N LEU A 321 2.00 10.84 4.56
CA LEU A 321 2.68 10.52 3.34
C LEU A 321 1.70 10.09 2.26
N SER A 322 0.67 9.35 2.66
CA SER A 322 -0.41 8.99 1.78
C SER A 322 0.07 8.45 0.41
N VAL A 323 0.75 7.31 0.47
CA VAL A 323 1.37 6.79 -0.77
C VAL A 323 0.39 6.40 -1.86
N VAL A 324 -0.85 6.13 -1.51
CA VAL A 324 -1.82 5.80 -2.52
C VAL A 324 -2.06 7.06 -3.34
N ASN A 325 -1.57 7.06 -4.56
CA ASN A 325 -1.68 8.19 -5.44
C ASN A 325 -1.98 7.64 -6.82
N PRO A 326 -3.00 8.17 -7.50
CA PRO A 326 -3.68 9.41 -7.15
C PRO A 326 -4.93 9.27 -6.33
N GLY A 327 -5.25 8.07 -5.86
CA GLY A 327 -6.31 7.92 -4.87
C GLY A 327 -7.12 6.66 -5.05
N ILE A 328 -8.15 6.51 -4.23
CA ILE A 328 -9.04 5.37 -4.31
C ILE A 328 -10.15 5.68 -5.29
N PHE A 329 -10.51 4.71 -6.12
CA PHE A 329 -11.41 4.97 -7.22
C PHE A 329 -12.76 4.32 -7.05
N ARG A 330 -13.81 5.09 -7.26
CA ARG A 330 -15.18 4.57 -7.25
C ARG A 330 -15.96 5.04 -8.49
N PHE A 331 -17.04 4.34 -8.81
CA PHE A 331 -17.86 4.70 -9.95
C PHE A 331 -19.27 4.65 -9.49
N ALA A 332 -20.12 5.46 -10.09
CA ALA A 332 -21.50 5.53 -9.63
C ALA A 332 -22.31 4.59 -10.45
N LYS A 333 -22.92 3.61 -9.78
CA LYS A 333 -23.76 2.63 -10.47
C LYS A 333 -24.97 3.35 -11.05
N GLU A 334 -25.34 4.40 -10.33
CA GLU A 334 -26.57 5.11 -10.52
C GLU A 334 -26.30 6.58 -10.77
N ASP A 335 -27.29 7.29 -11.33
CA ASP A 335 -27.35 8.73 -11.17
C ASP A 335 -27.52 8.93 -9.70
N LEU A 336 -26.83 9.90 -9.11
CA LEU A 336 -27.02 10.09 -7.68
C LEU A 336 -26.73 11.51 -7.29
N GLU A 337 -27.15 11.82 -6.07
CA GLU A 337 -26.85 13.07 -5.46
C GLU A 337 -26.17 12.76 -4.14
N PHE A 338 -24.90 13.10 -4.01
CA PHE A 338 -24.19 12.89 -2.75
C PHE A 338 -23.52 14.20 -2.37
N ALA A 339 -23.77 14.66 -1.15
CA ALA A 339 -23.29 15.96 -0.70
C ALA A 339 -23.57 17.10 -1.67
N GLY A 340 -24.78 17.07 -2.25
CA GLY A 340 -25.26 18.20 -3.04
C GLY A 340 -24.84 18.17 -4.50
N GLU A 341 -24.18 17.08 -4.91
CA GLU A 341 -23.67 17.00 -6.27
C GLU A 341 -24.52 16.05 -7.06
N HIS A 342 -24.72 16.35 -8.34
CA HIS A 342 -25.47 15.48 -9.19
C HIS A 342 -24.53 14.65 -10.07
N ILE A 343 -24.54 13.34 -9.85
CA ILE A 343 -23.58 12.49 -10.48
C ILE A 343 -24.23 11.44 -11.38
N PRO A 344 -23.95 11.56 -12.67
CA PRO A 344 -24.44 10.62 -13.64
C PRO A 344 -23.85 9.23 -13.43
N ALA A 345 -24.54 8.21 -13.93
CA ALA A 345 -24.11 6.83 -13.74
C ALA A 345 -22.79 6.60 -14.44
N GLY A 346 -21.95 5.80 -13.79
CA GLY A 346 -20.66 5.45 -14.37
C GLY A 346 -19.56 6.50 -14.21
N SER A 347 -19.86 7.65 -13.60
CA SER A 347 -18.88 8.71 -13.44
C SER A 347 -17.84 8.32 -12.41
N THR A 348 -16.57 8.47 -12.76
CA THR A 348 -15.47 8.17 -11.85
C THR A 348 -15.60 9.01 -10.59
N VAL A 349 -15.50 8.39 -9.44
CA VAL A 349 -15.29 9.18 -8.23
C VAL A 349 -13.94 8.75 -7.65
N VAL A 350 -13.07 9.70 -7.38
CA VAL A 350 -11.79 9.35 -6.80
C VAL A 350 -11.59 10.14 -5.52
N VAL A 351 -11.23 9.40 -4.48
CA VAL A 351 -10.92 9.99 -3.20
C VAL A 351 -9.44 10.25 -3.20
N SER A 352 -9.03 11.50 -2.99
CA SER A 352 -7.62 11.79 -2.92
C SER A 352 -7.22 11.44 -1.50
N VAL A 353 -6.33 10.47 -1.38
CA VAL A 353 -5.91 10.02 -0.11
C VAL A 353 -5.07 11.07 0.56
N VAL A 354 -4.18 11.68 -0.20
CA VAL A 354 -3.28 12.67 0.38
C VAL A 354 -4.00 13.91 0.87
N ALA A 355 -4.94 14.43 0.09
CA ALA A 355 -5.61 15.66 0.42
C ALA A 355 -6.50 15.49 1.65
N THR A 356 -7.17 14.36 1.69
CA THR A 356 -8.15 13.99 2.69
C THR A 356 -7.57 13.71 4.05
N ASN A 357 -6.41 13.02 4.07
CA ASN A 357 -5.67 12.82 5.29
C ASN A 357 -5.09 14.10 5.82
N ARG A 358 -5.28 15.18 5.08
CA ARG A 358 -4.84 16.50 5.47
C ARG A 358 -5.99 17.51 5.61
N ASP A 359 -7.22 17.02 5.74
CA ASP A 359 -8.41 17.87 5.89
C ASP A 359 -8.37 18.73 7.13
N ALA A 360 -8.38 20.05 6.98
CA ALA A 360 -8.22 20.96 8.13
C ALA A 360 -9.43 20.91 9.06
N ARG A 361 -10.57 20.62 8.50
CA ARG A 361 -11.72 20.41 9.35
C ARG A 361 -11.51 19.27 10.35
N HIS A 362 -10.95 18.15 9.90
CA HIS A 362 -10.61 17.06 10.82
C HIS A 362 -9.31 17.29 11.60
N TRP A 363 -8.21 17.63 10.93
CA TRP A 363 -6.94 17.89 11.60
C TRP A 363 -6.65 19.38 11.55
N PRO A 364 -6.82 20.08 12.68
CA PRO A 364 -6.46 21.47 12.74
C PRO A 364 -5.02 21.73 12.26
N ASP A 365 -4.08 20.97 12.77
CA ASP A 365 -2.72 21.05 12.22
C ASP A 365 -2.46 19.75 11.45
N PRO A 366 -2.26 19.88 10.15
CA PRO A 366 -2.07 18.67 9.33
C PRO A 366 -0.62 18.30 9.10
N ASP A 367 0.31 19.06 9.67
CA ASP A 367 1.72 18.80 9.50
C ASP A 367 2.15 17.57 10.30
N LEU A 368 3.35 17.08 10.00
CA LEU A 368 3.80 15.81 10.52
C LEU A 368 4.20 15.91 11.97
N ASP A 369 3.56 15.10 12.81
CA ASP A 369 3.92 14.99 14.23
C ASP A 369 3.88 13.54 14.74
N LEU A 370 5.04 12.95 14.98
CA LEU A 370 5.08 11.57 15.51
C LEU A 370 4.68 11.50 16.98
N THR A 371 4.64 12.67 17.61
CA THR A 371 4.10 12.83 18.95
C THR A 371 2.58 12.58 18.98
N ARG A 372 1.90 12.78 17.88
CA ARG A 372 0.48 12.69 17.84
C ARG A 372 -0.12 11.30 18.19
N PRO A 373 -1.13 11.26 19.10
CA PRO A 373 -1.80 9.99 19.37
C PRO A 373 -2.68 9.48 18.20
N ARG A 374 -2.71 8.16 18.06
CA ARG A 374 -3.30 7.51 16.89
C ARG A 374 -4.79 7.85 16.78
N GLY A 375 -5.24 8.06 15.56
CA GLY A 375 -6.65 8.16 15.29
C GLY A 375 -6.80 7.60 13.90
N PRO A 376 -8.03 7.53 13.40
CA PRO A 376 -8.26 7.04 12.05
C PRO A 376 -7.79 7.98 10.94
N HIS A 377 -7.43 7.39 9.82
CA HIS A 377 -7.01 8.12 8.64
C HIS A 377 -7.47 7.27 7.46
N LEU A 378 -7.20 7.70 6.24
CA LEU A 378 -7.71 6.99 5.06
C LEU A 378 -6.67 6.32 4.20
N ALA A 379 -5.48 6.17 4.72
CA ALA A 379 -4.37 5.70 3.93
C ALA A 379 -4.59 4.26 3.50
N PHE A 380 -5.35 3.52 4.31
CA PHE A 380 -5.64 2.11 4.03
C PHE A 380 -7.03 1.94 3.49
N GLY A 381 -7.67 3.03 3.09
CA GLY A 381 -9.07 2.95 2.60
C GLY A 381 -10.08 2.92 3.72
N HIS A 382 -11.32 2.56 3.39
CA HIS A 382 -12.37 2.52 4.40
C HIS A 382 -13.42 1.55 3.99
N GLY A 383 -14.11 0.98 4.98
CA GLY A 383 -15.26 0.09 4.73
C GLY A 383 -14.95 -1.32 4.24
N VAL A 384 -15.66 -1.71 3.22
CA VAL A 384 -15.62 -3.10 2.76
C VAL A 384 -14.26 -3.48 2.13
N HIS A 385 -13.57 -2.51 1.55
CA HIS A 385 -12.27 -2.80 0.91
C HIS A 385 -11.01 -2.33 1.66
N GLN A 386 -11.05 -1.96 2.95
CA GLN A 386 -9.80 -1.53 3.65
C GLN A 386 -8.72 -2.55 3.41
N CYS A 387 -7.44 -2.17 3.38
CA CYS A 387 -6.38 -3.08 2.96
C CYS A 387 -6.58 -4.36 3.73
N LEU A 388 -6.48 -5.47 3.03
CA LEU A 388 -6.49 -6.76 3.74
C LEU A 388 -5.17 -6.83 4.49
N GLY A 389 -4.19 -6.11 3.97
CA GLY A 389 -2.81 -6.23 4.41
C GLY A 389 -2.34 -5.28 5.47
N GLN A 390 -3.26 -4.54 6.08
CA GLN A 390 -2.88 -3.38 6.84
C GLN A 390 -2.12 -3.73 8.11
N GLN A 391 -2.41 -4.90 8.66
CA GLN A 391 -1.77 -5.37 9.87
C GLN A 391 -0.35 -5.89 9.56
N LEU A 392 -0.20 -6.57 8.43
CA LEU A 392 1.14 -6.97 7.96
C LEU A 392 1.97 -5.74 7.58
N ALA A 393 1.37 -4.80 6.88
CA ALA A 393 2.08 -3.59 6.54
C ALA A 393 2.53 -2.85 7.82
N ARG A 394 1.65 -2.83 8.83
CA ARG A 394 1.97 -2.16 10.09
C ARG A 394 3.13 -2.81 10.80
N MET A 395 3.12 -4.13 10.87
CA MET A 395 4.22 -4.84 11.49
C MET A 395 5.55 -4.60 10.75
N GLU A 396 5.52 -4.65 9.43
CA GLU A 396 6.72 -4.30 8.69
C GLU A 396 7.20 -2.83 8.80
N MET A 397 6.26 -1.89 8.75
CA MET A 397 6.56 -0.50 8.95
C MET A 397 7.04 -0.25 10.36
N GLN A 398 6.40 -0.88 11.35
CA GLN A 398 6.83 -0.75 12.73
C GLN A 398 8.19 -1.40 13.00
N ALA A 399 8.35 -2.64 12.53
CA ALA A 399 9.59 -3.37 12.67
C ALA A 399 10.67 -2.72 11.86
N GLY A 400 10.37 -2.39 10.61
CA GLY A 400 11.41 -1.85 9.72
C GLY A 400 11.98 -0.47 10.01
N TYR A 401 11.14 0.51 10.36
CA TYR A 401 11.62 1.85 10.77
C TYR A 401 12.43 1.79 12.08
N ALA A 402 12.04 0.88 12.97
CA ALA A 402 12.68 0.81 14.30
C ALA A 402 14.08 0.26 14.20
N GLU A 403 14.25 -0.74 13.35
CA GLU A 403 15.52 -1.42 13.15
C GLU A 403 16.52 -0.48 12.48
N LEU A 404 16.11 0.27 11.46
CA LEU A 404 17.01 1.20 10.78
C LEU A 404 17.52 2.33 11.67
N LEU A 405 16.61 2.98 12.39
CA LEU A 405 16.98 4.10 13.24
C LEU A 405 17.82 3.69 14.42
N ARG A 406 17.48 2.54 14.98
CA ARG A 406 18.24 1.94 16.09
C ARG A 406 19.59 1.40 15.65
N ARG A 407 19.65 0.65 14.54
CA ARG A 407 20.92 0.02 14.17
C ARG A 407 21.84 0.83 13.23
N LEU A 408 21.36 1.88 12.58
CA LEU A 408 22.24 2.64 11.65
C LEU A 408 22.62 3.94 12.29
N PRO A 409 23.83 4.05 12.82
CA PRO A 409 24.19 5.26 13.55
C PRO A 409 24.32 6.53 12.70
N ASN A 410 23.61 7.54 13.15
CA ASN A 410 23.59 8.84 12.51
C ASN A 410 23.22 8.76 11.05
N VAL A 411 22.17 8.05 10.75
CA VAL A 411 21.82 7.84 9.38
C VAL A 411 21.42 9.18 8.72
N ARG A 412 21.87 9.36 7.49
CA ARG A 412 21.72 10.62 6.76
C ARG A 412 21.60 10.27 5.31
N LEU A 413 21.07 11.23 4.56
CA LEU A 413 21.04 11.15 3.11
C LEU A 413 22.45 11.27 2.57
N ALA A 414 22.79 10.51 1.54
CA ALA A 414 24.15 10.56 0.98
C ALA A 414 24.27 11.56 -0.20
N VAL A 415 23.14 12.14 -0.60
CA VAL A 415 23.10 13.16 -1.61
C VAL A 415 22.14 14.24 -1.08
N PRO A 416 22.15 15.44 -1.68
CA PRO A 416 21.25 16.45 -1.16
C PRO A 416 19.79 16.06 -1.37
N PRO A 417 18.90 16.59 -0.52
CA PRO A 417 17.51 16.20 -0.53
C PRO A 417 16.77 16.45 -1.84
N GLU A 418 17.06 17.57 -2.51
CA GLU A 418 16.34 17.92 -3.74
C GLU A 418 16.85 17.10 -4.94
N GLU A 419 17.91 16.32 -4.74
CA GLU A 419 18.46 15.46 -5.78
C GLU A 419 17.81 14.08 -5.80
N VAL A 420 16.98 13.78 -4.80
CA VAL A 420 16.42 12.43 -4.63
C VAL A 420 15.30 12.21 -5.66
N PRO A 421 15.22 11.03 -6.31
CA PRO A 421 14.20 10.81 -7.35
C PRO A 421 12.84 10.20 -6.88
N LEU A 422 11.79 10.96 -7.15
CA LEU A 422 10.45 10.66 -6.67
C LEU A 422 9.65 9.97 -7.77
N ARG A 423 8.70 9.13 -7.40
CA ARG A 423 7.89 8.47 -8.41
C ARG A 423 6.64 9.26 -8.74
N ASN A 424 6.73 10.14 -9.75
CA ASN A 424 5.57 10.86 -10.29
C ASN A 424 5.08 10.32 -11.65
N ASP A 425 5.73 9.27 -12.15
CA ASP A 425 5.24 8.54 -13.34
C ASP A 425 4.77 7.17 -12.91
N MET A 426 4.30 7.08 -11.69
CA MET A 426 3.84 5.83 -11.12
C MET A 426 2.51 6.09 -10.46
N LEU A 427 1.72 5.06 -10.27
CA LEU A 427 0.48 5.25 -9.55
C LEU A 427 0.68 5.45 -8.05
N THR A 428 1.64 4.77 -7.46
CA THR A 428 1.82 4.76 -6.04
C THR A 428 2.97 5.72 -5.72
N TYR A 429 2.70 6.72 -4.92
CA TYR A 429 3.68 7.75 -4.68
C TYR A 429 4.89 7.30 -3.83
N GLY A 430 6.09 7.64 -4.27
CA GLY A 430 7.29 7.23 -3.58
C GLY A 430 8.63 7.75 -4.09
N VAL A 431 9.64 6.95 -3.85
CA VAL A 431 11.00 7.32 -4.21
C VAL A 431 11.62 6.20 -5.10
N HIS A 432 12.33 6.61 -6.13
CA HIS A 432 13.02 5.67 -7.04
C HIS A 432 14.29 5.12 -6.45
N SER A 433 15.06 6.01 -5.84
CA SER A 433 16.33 5.65 -5.25
C SER A 433 16.47 6.42 -3.91
N LEU A 434 17.13 5.83 -2.93
CA LEU A 434 17.40 6.53 -1.70
C LEU A 434 18.81 6.34 -1.20
N PRO A 435 19.75 7.13 -1.69
CA PRO A 435 21.15 7.01 -1.18
C PRO A 435 21.30 7.42 0.29
N ILE A 436 21.83 6.54 1.13
CA ILE A 436 22.00 6.89 2.57
C ILE A 436 23.36 6.49 3.11
N ALA A 437 23.77 7.11 4.19
CA ALA A 437 24.99 6.71 4.85
C ALA A 437 24.78 6.64 6.36
N TRP A 438 25.74 6.04 7.04
CA TRP A 438 25.65 5.91 8.48
C TRP A 438 27.05 5.85 9.09
N ASP A 439 27.11 5.76 10.43
CA ASP A 439 28.35 5.95 11.23
C ASP A 439 28.75 7.41 11.30
CHA HEM B . -6.49 -2.63 -0.48
CHB HEM B . -3.32 0.68 0.92
CHC HEM B . -0.26 -2.75 2.23
CHD HEM B . -3.17 -6.02 0.31
C1A HEM B . -5.91 -1.44 -0.14
C2A HEM B . -6.52 -0.18 -0.30
C3A HEM B . -5.64 0.72 0.10
C4A HEM B . -4.45 0.06 0.44
CMA HEM B . -5.89 2.20 0.14
CAA HEM B . -7.93 0.09 -0.74
CBA HEM B . -8.05 0.23 -2.26
CGA HEM B . -9.51 0.27 -2.68
O1A HEM B . -9.83 0.10 -3.91
O2A HEM B . -10.38 0.49 -1.77
C1B HEM B . -2.19 0.03 1.41
C2B HEM B . -1.07 0.70 1.98
C3B HEM B . -0.23 -0.27 2.35
C4B HEM B . -0.85 -1.54 2.00
CMB HEM B . -0.85 2.19 2.12
CAB HEM B . 1.04 -0.14 3.05
CBB HEM B . 1.41 0.98 3.65
C1C HEM B . -0.80 -3.97 1.83
C2C HEM B . -0.21 -5.16 2.12
C3C HEM B . -1.02 -6.11 1.57
C4C HEM B . -2.12 -5.47 0.93
CMC HEM B . 1.07 -5.46 2.86
CAC HEM B . -0.62 -7.50 1.68
CBC HEM B . -1.19 -8.46 1.00
C1D HEM B . -4.31 -5.31 -0.03
C2D HEM B . -5.48 -5.99 -0.65
C3D HEM B . -6.39 -5.05 -0.86
C4D HEM B . -5.78 -3.80 -0.39
CMD HEM B . -5.71 -7.45 -0.97
CAD HEM B . -7.77 -5.27 -1.45
CBD HEM B . -8.87 -5.37 -0.35
CGD HEM B . -10.25 -5.58 -0.94
O1D HEM B . -11.09 -6.30 -0.36
O2D HEM B . -10.58 -5.03 -2.01
NA HEM B . -4.64 -1.26 0.32
NB HEM B . -2.01 -1.28 1.47
NC HEM B . -1.96 -4.17 1.17
ND HEM B . -4.55 -4.01 0.14
FE HEM B . -3.34 -2.72 0.74
C01 9LF C . -5.69 3.39 -10.82
O02 9LF C . -6.82 3.37 -11.64
C03 9LF C . -7.67 2.24 -11.52
C04 9LF C . -8.49 2.24 -10.19
C05 9LF C . -9.68 1.55 -10.14
O06 9LF C . -10.52 1.52 -8.98
C07 9LF C . -10.10 0.68 -7.87
C08 9LF C . -10.87 1.08 -6.64
O09 9LF C . -10.43 -0.74 -8.17
C10 9LF C . -9.09 -1.29 -8.72
C11 9LF C . -8.85 -2.44 -9.48
C12 9LF C . -10.02 -3.29 -9.84
C13 9LF C . -7.56 -2.75 -9.89
O14 9LF C . -7.25 -3.91 -10.65
C15 9LF C . -6.51 -1.86 -9.50
C16 9LF C . -5.24 -2.26 -9.95
O17 9LF C . -5.06 -3.44 -10.70
C18 9LF C . -4.15 -1.46 -9.63
C19 9LF C . -4.31 -0.27 -8.87
C20 9LF C . -5.58 0.15 -8.42
O21 9LF C . -5.74 1.34 -7.62
C22 9LF C . -5.65 1.15 -6.18
O23 9LF C . -6.43 0.46 -5.58
C24 9LF C . -4.58 1.78 -5.26
O25 9LF C . -4.36 0.92 -4.16
C26 9LF C . -6.72 -0.70 -8.76
C27 9LF C . -8.05 -0.40 -8.33
C28 9LF C . -8.71 0.66 -7.62
O29 9LF C . -8.21 1.51 -6.97
N30 9LF C . -2.88 -1.97 -10.16
C31 9LF C . -2.27 -1.50 -11.42
O32 9LF C . -1.25 -2.01 -11.75
C33 9LF C . -2.83 -0.33 -12.30
C34 9LF C . -1.85 0.18 -13.35
C35 9LF C . -4.07 0.21 -12.20
C36 9LF C . -4.47 1.41 -13.14
C37 9LF C . -4.07 1.54 -14.43
C38 9LF C . -4.35 2.72 -15.38
C39 9LF C . -4.14 4.05 -14.66
C40 9LF C . -5.75 2.59 -16.04
O41 9LF C . -5.56 1.82 -17.17
C42 9LF C . -6.37 3.93 -16.45
C43 9LF C . -7.50 3.68 -17.43
C44 9LF C . -6.90 4.64 -15.18
O45 9LF C . -7.23 5.98 -15.46
C46 9LF C . -8.10 3.93 -14.49
C47 9LF C . -9.41 4.05 -15.30
C48 9LF C . -7.83 2.46 -14.00
O49 9LF C . -8.04 1.40 -14.93
C50 9LF C . -8.13 0.04 -14.47
C51 9LF C . -9.49 -0.68 -14.55
O52 9LF C . -7.16 -0.55 -14.07
C53 9LF C . -8.64 2.19 -12.71
C54 9LF C . -9.87 3.10 -12.54
#